data_5JT8
#
_entry.id   5JT8
#
_cell.length_a   117.412
_cell.length_b   117.412
_cell.length_c   132.364
_cell.angle_alpha   90.00
_cell.angle_beta   90.00
_cell.angle_gamma   120.00
#
_symmetry.space_group_name_H-M   'H 3'
#
loop_
_entity.id
_entity.type
_entity.pdbx_description
1 polymer 'Blo t 1 allergen'
2 branched 2-acetamido-2-deoxy-beta-D-glucopyranose-(1-4)-2-acetamido-2-deoxy-beta-D-glucopyranose
3 non-polymer 2-acetamido-2-deoxy-beta-D-glucopyranose
4 non-polymer 'CHLORIDE ION'
5 non-polymer 'NITRATE ION'
6 water water
#
_entity_poly.entity_id   1
_entity_poly.type   'polypeptide(L)'
_entity_poly.pdbx_seq_one_letter_code
;MKFLLVAALCALVAIGSCKPTREEIKTFEQFKKVFGKVYRNAEEEARREHHFKEQLKWVEEHNGIDGVEYAINEYSDMSE
QEFSFHLSGGGLNFTYMKMEAAKEPLINTYGSLPQNFDWRQKARLTRIRQQGSCGS(CSO)WAFAAAGVAESLYSIQKQQ
SIELSEQELVDCTYNRYDPSYQCNGCGSGYSTEAFKYMIRTGLVEERNYPYNMRTQWCDPDVEGQRYHVSGYQQLRYHSS
DEDVMYTIQQHGPVVIYMHGSNNYFRNLGNGVLRGVAYNDAYTDHAVILVGWGTVQGVDYWIIRNSWGTGWGNGGYGYVE
RGHNSLGINNYVTYATL
;
_entity_poly.pdbx_strand_id   A,B
#
# COMPACT_ATOMS: atom_id res chain seq x y z
N GLU A 24 28.82 -28.34 19.37
CA GLU A 24 29.82 -29.35 19.74
C GLU A 24 29.92 -30.45 18.68
N ILE A 25 30.00 -30.04 17.41
CA ILE A 25 30.09 -30.99 16.30
C ILE A 25 31.47 -30.95 15.65
N LYS A 26 32.25 -32.00 15.87
CA LYS A 26 33.67 -31.99 15.50
C LYS A 26 34.00 -32.68 14.15
N THR A 27 33.16 -33.61 13.69
CA THR A 27 33.25 -34.10 12.30
C THR A 27 31.92 -34.81 11.96
N PHE A 28 31.87 -35.53 10.84
CA PHE A 28 30.61 -35.75 10.11
C PHE A 28 29.49 -36.51 10.81
N GLU A 29 29.76 -37.65 11.44
CA GLU A 29 28.61 -38.43 11.89
C GLU A 29 28.17 -38.09 13.32
N GLN A 30 28.75 -37.03 13.87
CA GLN A 30 28.10 -36.37 15.00
C GLN A 30 27.08 -35.44 14.38
N PHE A 31 27.52 -34.75 13.33
CA PHE A 31 26.64 -33.93 12.50
C PHE A 31 25.51 -34.77 11.93
N LYS A 32 25.83 -35.99 11.52
CA LYS A 32 24.85 -36.92 10.95
C LYS A 32 23.76 -37.30 11.94
N LYS A 33 24.16 -37.66 13.16
CA LYS A 33 23.17 -38.10 14.14
C LYS A 33 22.47 -36.92 14.82
N VAL A 34 23.13 -35.76 14.86
CA VAL A 34 22.48 -34.57 15.42
C VAL A 34 21.35 -34.11 14.50
N PHE A 35 21.62 -34.08 13.19
CA PHE A 35 20.63 -33.58 12.25
C PHE A 35 19.95 -34.70 11.48
N GLY A 36 20.23 -35.93 11.90
CA GLY A 36 19.57 -37.12 11.39
C GLY A 36 19.51 -37.23 9.88
N LYS A 37 20.66 -37.08 9.22
CA LYS A 37 20.65 -37.00 7.76
C LYS A 37 20.73 -38.35 7.08
N VAL A 38 19.74 -38.61 6.23
CA VAL A 38 19.69 -39.81 5.41
C VAL A 38 20.20 -39.49 4.02
N TYR A 39 21.06 -40.36 3.49
CA TYR A 39 21.63 -40.16 2.18
C TYR A 39 21.20 -41.25 1.21
N ARG A 40 20.63 -40.83 0.08
CA ARG A 40 20.11 -41.76 -0.91
C ARG A 40 21.21 -42.64 -1.49
N ASN A 41 22.47 -42.25 -1.25
CA ASN A 41 23.56 -43.06 -1.77
C ASN A 41 24.86 -42.90 -0.99
N ALA A 42 25.77 -43.85 -1.18
CA ALA A 42 27.13 -43.74 -0.66
C ALA A 42 27.96 -42.79 -1.52
N GLU A 43 27.57 -42.61 -2.78
CA GLU A 43 28.33 -41.72 -3.67
C GLU A 43 28.12 -40.30 -3.15
N GLU A 44 26.92 -40.06 -2.66
CA GLU A 44 26.46 -38.76 -2.23
C GLU A 44 27.14 -38.32 -0.95
N GLU A 45 27.33 -39.25 -0.02
CA GLU A 45 27.99 -38.97 1.25
C GLU A 45 29.45 -38.58 1.07
N ALA A 46 30.13 -39.22 0.12
CA ALA A 46 31.53 -38.93 -0.14
C ALA A 46 31.70 -37.46 -0.57
N ARG A 47 30.85 -37.03 -1.49
CA ARG A 47 30.84 -35.64 -1.97
C ARG A 47 30.37 -34.67 -0.89
N ARG A 48 29.94 -35.22 0.25
CA ARG A 48 29.13 -34.49 1.20
C ARG A 48 29.88 -34.11 2.48
N GLU A 49 30.71 -35.02 3.01
CA GLU A 49 31.44 -34.69 4.23
C GLU A 49 32.64 -33.82 3.92
N HIS A 50 33.05 -33.78 2.66
CA HIS A 50 34.08 -32.83 2.24
C HIS A 50 33.57 -31.40 2.39
N HIS A 51 32.34 -31.17 1.94
CA HIS A 51 31.70 -29.87 2.11
C HIS A 51 31.51 -29.57 3.59
N PHE A 52 31.15 -30.58 4.38
CA PHE A 52 31.04 -30.38 5.82
C PHE A 52 32.39 -30.05 6.46
N LYS A 53 33.43 -30.77 6.03
CA LYS A 53 34.77 -30.57 6.56
C LYS A 53 35.26 -29.15 6.27
N GLU A 54 35.10 -28.73 5.02
CA GLU A 54 35.50 -27.39 4.58
C GLU A 54 34.56 -26.32 5.17
N GLN A 55 33.32 -26.68 5.48
CA GLN A 55 32.44 -25.74 6.19
C GLN A 55 32.85 -25.68 7.65
N LEU A 56 33.19 -26.83 8.22
CA LEU A 56 33.72 -26.86 9.58
C LEU A 56 35.04 -26.13 9.64
N LYS A 57 35.83 -26.29 8.59
CA LYS A 57 37.09 -25.57 8.46
C LYS A 57 36.85 -24.06 8.47
N TRP A 58 35.89 -23.60 7.67
CA TRP A 58 35.58 -22.17 7.62
C TRP A 58 35.11 -21.64 8.98
N VAL A 59 34.34 -22.47 9.70
CA VAL A 59 33.79 -22.08 10.99
C VAL A 59 34.88 -21.88 12.03
N GLU A 60 35.76 -22.87 12.20
CA GLU A 60 36.78 -22.77 13.23
C GLU A 60 37.76 -21.63 12.96
N GLU A 61 38.07 -21.37 11.69
CA GLU A 61 39.00 -20.30 11.35
C GLU A 61 38.39 -18.92 11.52
N HIS A 62 37.06 -18.84 11.53
CA HIS A 62 36.39 -17.54 11.58
C HIS A 62 35.71 -17.27 12.93
N ASN A 63 35.45 -18.32 13.70
CA ASN A 63 34.72 -18.17 14.95
C ASN A 63 35.44 -17.23 15.91
N GLY A 64 34.72 -16.19 16.35
CA GLY A 64 35.28 -15.26 17.31
C GLY A 64 35.92 -14.03 16.70
N ILE A 65 36.23 -14.10 15.41
CA ILE A 65 36.83 -12.96 14.72
C ILE A 65 35.89 -11.76 14.78
N ASP A 66 36.46 -10.62 15.19
CA ASP A 66 35.71 -9.37 15.33
C ASP A 66 34.59 -9.56 16.36
N GLY A 67 34.84 -10.48 17.30
CA GLY A 67 33.85 -10.83 18.30
C GLY A 67 32.52 -11.27 17.70
N VAL A 68 32.56 -12.16 16.73
CA VAL A 68 31.33 -12.70 16.14
C VAL A 68 31.41 -14.21 16.15
N GLU A 69 30.34 -14.83 16.64
CA GLU A 69 30.27 -16.27 16.73
C GLU A 69 29.79 -16.88 15.41
N TYR A 70 30.49 -17.92 14.94
CA TYR A 70 30.00 -18.71 13.81
C TYR A 70 29.86 -20.18 14.21
N ALA A 71 28.93 -20.90 13.59
CA ALA A 71 28.68 -22.29 13.97
C ALA A 71 28.00 -23.12 12.88
N ILE A 72 28.45 -24.37 12.78
CA ILE A 72 27.79 -25.43 12.02
C ILE A 72 26.27 -25.44 12.21
N ASN A 73 25.54 -25.73 11.14
CA ASN A 73 24.11 -25.99 11.25
C ASN A 73 23.66 -27.05 10.26
N GLU A 74 22.35 -27.25 10.19
CA GLU A 74 21.72 -28.29 9.36
C GLU A 74 22.15 -28.23 7.90
N TYR A 75 22.58 -27.05 7.45
CA TYR A 75 22.90 -26.84 6.04
C TYR A 75 24.40 -26.99 5.74
N SER A 76 25.20 -27.25 6.77
CA SER A 76 26.66 -27.17 6.66
C SER A 76 27.28 -28.23 5.76
N ASP A 77 26.47 -29.09 5.17
CA ASP A 77 26.98 -30.14 4.32
C ASP A 77 26.92 -29.76 2.83
N MET A 78 26.43 -28.56 2.54
CA MET A 78 26.37 -28.09 1.16
C MET A 78 27.44 -27.03 0.90
N SER A 79 27.87 -26.92 -0.36
CA SER A 79 28.76 -25.84 -0.75
C SER A 79 27.95 -24.55 -0.88
N GLU A 80 28.64 -23.43 -1.02
CA GLU A 80 27.96 -22.14 -1.19
C GLU A 80 27.05 -22.19 -2.41
N GLN A 81 27.55 -22.75 -3.50
CA GLN A 81 26.76 -22.93 -4.70
C GLN A 81 25.49 -23.75 -4.43
N GLU A 82 25.63 -24.86 -3.73
CA GLU A 82 24.53 -25.78 -3.47
C GLU A 82 23.47 -25.18 -2.55
N PHE A 83 23.92 -24.62 -1.43
CA PHE A 83 23.05 -23.96 -0.47
C PHE A 83 22.21 -22.86 -1.14
N SER A 84 22.89 -21.98 -1.88
CA SER A 84 22.22 -20.94 -2.63
C SER A 84 21.11 -21.54 -3.52
N PHE A 85 21.40 -22.63 -4.21
CA PHE A 85 20.39 -23.33 -5.00
C PHE A 85 19.30 -23.92 -4.11
N HIS A 86 19.70 -24.51 -2.98
CA HIS A 86 18.74 -25.00 -1.99
C HIS A 86 17.74 -23.90 -1.56
N LEU A 87 18.24 -22.67 -1.38
CA LEU A 87 17.39 -21.57 -0.97
C LEU A 87 16.46 -21.10 -2.08
N SER A 88 16.99 -20.85 -3.28
CA SER A 88 16.19 -20.24 -4.33
C SER A 88 16.40 -20.79 -5.73
N GLY A 89 16.77 -22.07 -5.83
CA GLY A 89 16.85 -22.79 -7.10
C GLY A 89 17.44 -22.04 -8.28
N GLY A 90 18.32 -21.09 -7.97
CA GLY A 90 18.90 -20.21 -8.98
C GLY A 90 17.89 -19.56 -9.91
N GLY A 91 16.73 -19.18 -9.38
CA GLY A 91 15.66 -18.70 -10.23
C GLY A 91 14.88 -17.50 -9.74
N LEU A 92 15.57 -16.51 -9.19
CA LEU A 92 14.90 -15.28 -8.78
C LEU A 92 14.94 -14.21 -9.89
N ASN A 93 13.81 -13.98 -10.53
CA ASN A 93 13.68 -12.94 -11.57
C ASN A 93 13.74 -11.53 -10.95
N PHE A 94 14.93 -10.95 -10.87
CA PHE A 94 15.11 -9.62 -10.29
C PHE A 94 14.44 -8.53 -11.12
N THR A 95 14.33 -8.76 -12.43
CA THR A 95 13.62 -7.85 -13.29
C THR A 95 12.16 -7.76 -12.83
N TYR A 96 11.58 -8.93 -12.58
CA TYR A 96 10.21 -9.00 -12.07
C TYR A 96 10.10 -8.30 -10.71
N MET A 97 11.06 -8.54 -9.83
CA MET A 97 11.06 -7.95 -8.49
C MET A 97 11.26 -6.42 -8.51
N LYS A 98 12.13 -5.92 -9.37
CA LYS A 98 12.35 -4.47 -9.44
C LYS A 98 11.13 -3.71 -9.96
N MET A 99 10.40 -4.31 -10.90
CA MET A 99 9.27 -3.66 -11.55
C MET A 99 8.14 -3.30 -10.59
N GLU A 100 7.98 -4.08 -9.52
CA GLU A 100 6.87 -3.84 -8.61
C GLU A 100 7.18 -2.81 -7.49
N ALA A 101 8.45 -2.48 -7.31
CA ALA A 101 8.85 -1.56 -6.26
C ALA A 101 8.30 -0.14 -6.45
N ALA A 102 8.08 0.58 -5.35
CA ALA A 102 7.90 2.02 -5.42
C ALA A 102 9.08 2.63 -6.18
N LYS A 103 8.87 3.76 -6.86
CA LYS A 103 9.93 4.40 -7.63
C LYS A 103 10.59 5.53 -6.84
N GLU A 104 9.93 6.00 -5.78
CA GLU A 104 10.42 7.14 -5.02
C GLU A 104 10.69 6.76 -3.57
N PRO A 105 11.55 7.55 -2.88
CA PRO A 105 11.68 7.36 -1.44
C PRO A 105 10.39 7.75 -0.74
N LEU A 106 10.26 7.46 0.55
CA LEU A 106 9.14 7.98 1.33
C LEU A 106 9.13 9.50 1.30
N ILE A 107 7.93 10.08 1.39
CA ILE A 107 7.80 11.51 1.64
C ILE A 107 8.60 11.82 2.91
N ASN A 108 9.54 12.74 2.79
CA ASN A 108 10.68 12.82 3.71
C ASN A 108 10.45 13.76 4.87
N THR A 109 9.28 13.65 5.49
CA THR A 109 8.92 14.62 6.50
C THR A 109 8.70 14.00 7.88
N TYR A 110 9.04 12.73 8.03
CA TYR A 110 8.94 12.10 9.34
C TYR A 110 10.08 12.62 10.22
N GLY A 111 9.78 12.83 11.50
CA GLY A 111 10.65 13.59 12.38
C GLY A 111 12.01 12.97 12.64
N SER A 112 12.17 12.44 13.83
CA SER A 112 13.41 11.78 14.24
C SER A 112 13.09 10.35 14.60
N LEU A 113 14.08 9.48 14.51
CA LEU A 113 13.88 8.07 14.80
C LEU A 113 14.56 7.70 16.12
N PRO A 114 13.91 6.84 16.91
CA PRO A 114 14.56 6.40 18.14
C PRO A 114 15.80 5.60 17.81
N GLN A 115 16.80 5.67 18.68
CA GLN A 115 18.06 4.96 18.47
C GLN A 115 17.83 3.46 18.44
N ASN A 116 16.94 2.97 19.28
CA ASN A 116 16.63 1.53 19.34
C ASN A 116 15.15 1.28 19.15
N PHE A 117 14.83 0.24 18.42
CA PHE A 117 13.45 -0.16 18.21
C PHE A 117 13.45 -1.67 17.96
N ASP A 118 12.65 -2.41 18.72
CA ASP A 118 12.65 -3.87 18.65
C ASP A 118 11.22 -4.37 18.82
N TRP A 119 10.59 -4.81 17.72
CA TRP A 119 9.23 -5.34 17.83
C TRP A 119 9.13 -6.53 18.79
N ARG A 120 10.23 -7.26 18.99
CA ARG A 120 10.22 -8.37 19.96
C ARG A 120 9.89 -7.91 21.38
N GLN A 121 10.10 -6.62 21.66
CA GLN A 121 9.84 -6.08 22.98
C GLN A 121 8.54 -5.31 23.03
N LYS A 122 8.03 -4.92 21.87
CA LYS A 122 6.80 -4.12 21.83
C LYS A 122 5.57 -5.02 21.65
N ALA A 123 5.83 -6.29 21.33
CA ALA A 123 4.76 -7.19 20.98
C ALA A 123 5.26 -8.60 21.22
N ARG A 124 4.33 -9.52 21.42
CA ARG A 124 4.71 -10.91 21.57
C ARG A 124 4.73 -11.46 20.18
N LEU A 125 5.90 -11.54 19.57
CA LEU A 125 6.00 -12.08 18.22
C LEU A 125 5.93 -13.58 18.31
N THR A 126 5.64 -14.23 17.20
CA THR A 126 5.47 -15.68 17.24
C THR A 126 6.83 -16.36 17.26
N ARG A 127 6.84 -17.62 17.65
CA ARG A 127 8.07 -18.36 17.79
C ARG A 127 8.80 -18.55 16.47
N ILE A 128 10.11 -18.75 16.57
CA ILE A 128 10.96 -18.90 15.40
C ILE A 128 10.63 -20.19 14.68
N ARG A 129 10.51 -20.12 13.35
CA ARG A 129 10.16 -21.29 12.54
C ARG A 129 11.39 -21.87 11.86
N GLN A 130 11.24 -23.03 11.24
CA GLN A 130 12.35 -23.70 10.55
C GLN A 130 11.93 -24.22 9.18
N GLN A 131 12.45 -23.63 8.11
CA GLN A 131 12.00 -24.03 6.76
C GLN A 131 12.55 -25.40 6.34
N GLY A 132 13.68 -25.80 6.93
CA GLY A 132 14.30 -27.07 6.60
C GLY A 132 14.78 -27.15 5.15
N SER A 133 14.67 -28.35 4.58
CA SER A 133 15.18 -28.65 3.25
C SER A 133 14.21 -28.23 2.14
N CYS A 134 13.85 -26.96 2.11
CA CYS A 134 12.86 -26.46 1.17
C CYS A 134 13.11 -24.96 0.99
N GLY A 135 13.13 -24.51 -0.26
CA GLY A 135 13.42 -23.10 -0.56
C GLY A 135 12.21 -22.22 -0.34
N SER A 136 11.69 -22.23 0.87
CA SER A 136 10.42 -21.56 1.16
C SER A 136 10.56 -20.28 1.98
N TRP A 138 10.69 -17.29 1.29
CA TRP A 138 9.72 -16.29 0.84
C TRP A 138 8.37 -16.47 1.53
N ALA A 139 7.95 -17.73 1.70
CA ALA A 139 6.69 -18.02 2.38
C ALA A 139 6.77 -17.73 3.91
N PHE A 140 7.85 -18.16 4.55
CA PHE A 140 8.01 -17.91 5.99
C PHE A 140 8.10 -16.42 6.31
N ALA A 141 8.74 -15.65 5.42
CA ALA A 141 8.95 -14.23 5.67
C ALA A 141 7.60 -13.49 5.60
N ALA A 142 6.82 -13.81 4.58
CA ALA A 142 5.51 -13.21 4.45
C ALA A 142 4.61 -13.62 5.60
N ALA A 143 4.58 -14.91 5.92
CA ALA A 143 3.71 -15.39 6.99
C ALA A 143 4.13 -14.76 8.31
N GLY A 144 5.43 -14.60 8.50
CA GLY A 144 5.99 -13.99 9.70
C GLY A 144 5.55 -12.55 9.91
N VAL A 145 5.61 -11.76 8.85
CA VAL A 145 5.12 -10.39 8.90
C VAL A 145 3.63 -10.39 9.25
N ALA A 146 2.85 -11.25 8.58
CA ALA A 146 1.40 -11.30 8.83
C ALA A 146 1.09 -11.68 10.28
N GLU A 147 1.77 -12.69 10.78
CA GLU A 147 1.59 -13.11 12.16
C GLU A 147 1.96 -11.96 13.12
N SER A 148 3.05 -11.25 12.83
CA SER A 148 3.45 -10.09 13.63
C SER A 148 2.35 -9.05 13.72
N LEU A 149 1.77 -8.74 12.58
CA LEU A 149 0.70 -7.74 12.52
C LEU A 149 -0.51 -8.16 13.34
N TYR A 150 -0.87 -9.46 13.33
CA TYR A 150 -2.01 -9.91 14.13
C TYR A 150 -1.69 -9.77 15.61
N SER A 151 -0.44 -9.98 15.97
CA SER A 151 -0.05 -9.82 17.38
C SER A 151 -0.07 -8.32 17.73
N ILE A 152 0.54 -7.53 16.88
CA ILE A 152 0.64 -6.09 17.12
C ILE A 152 -0.74 -5.39 17.17
N GLN A 153 -1.61 -5.66 16.21
CA GLN A 153 -2.86 -4.90 16.11
C GLN A 153 -4.04 -5.57 16.80
N LYS A 154 -3.95 -6.86 17.06
CA LYS A 154 -5.09 -7.55 17.65
C LYS A 154 -4.72 -8.37 18.87
N GLN A 155 -3.43 -8.40 19.23
CA GLN A 155 -2.96 -9.23 20.34
C GLN A 155 -3.45 -10.65 20.16
N GLN A 156 -3.39 -11.14 18.92
CA GLN A 156 -3.71 -12.54 18.62
C GLN A 156 -2.45 -13.25 18.16
N SER A 157 -2.17 -14.40 18.76
CA SER A 157 -1.05 -15.21 18.33
C SER A 157 -1.56 -16.32 17.42
N ILE A 158 -1.19 -16.25 16.16
CA ILE A 158 -1.58 -17.29 15.22
C ILE A 158 -0.36 -17.85 14.52
N GLU A 159 -0.47 -19.11 14.11
CA GLU A 159 0.55 -19.74 13.33
C GLU A 159 -0.06 -20.08 11.97
N LEU A 160 0.38 -19.39 10.94
CA LEU A 160 -0.16 -19.58 9.60
C LEU A 160 0.55 -20.71 8.87
N SER A 161 -0.12 -21.23 7.85
CA SER A 161 0.40 -22.33 7.03
C SER A 161 1.31 -21.84 5.90
N GLU A 162 2.63 -21.95 6.09
CA GLU A 162 3.57 -21.74 5.00
C GLU A 162 3.35 -22.73 3.86
N GLN A 163 2.92 -23.94 4.20
CA GLN A 163 2.77 -25.01 3.21
C GLN A 163 1.68 -24.62 2.21
N GLU A 164 0.63 -23.96 2.68
CA GLU A 164 -0.45 -23.55 1.79
C GLU A 164 0.09 -22.52 0.79
N LEU A 165 1.02 -21.67 1.23
CA LEU A 165 1.66 -20.72 0.33
C LEU A 165 2.49 -21.48 -0.71
N VAL A 166 3.26 -22.45 -0.24
CA VAL A 166 4.16 -23.22 -1.10
C VAL A 166 3.39 -23.90 -2.23
N ASP A 167 2.22 -24.43 -1.91
CA ASP A 167 1.49 -25.20 -2.88
C ASP A 167 0.53 -24.39 -3.73
N CYS A 168 -0.07 -23.37 -3.15
CA CYS A 168 -1.20 -22.76 -3.80
C CYS A 168 -0.83 -21.47 -4.51
N THR A 169 0.42 -21.03 -4.35
CA THR A 169 0.97 -19.95 -5.18
C THR A 169 1.90 -20.54 -6.22
N TYR A 170 1.97 -21.87 -6.24
CA TYR A 170 2.79 -22.61 -7.20
C TYR A 170 2.32 -22.33 -8.64
N ASN A 171 3.22 -21.77 -9.44
CA ASN A 171 2.88 -21.32 -10.80
C ASN A 171 2.18 -22.39 -11.65
N ARG A 172 2.66 -23.63 -11.57
CA ARG A 172 2.04 -24.74 -12.31
C ARG A 172 0.60 -25.02 -11.87
N TYR A 173 0.28 -24.71 -10.62
CA TYR A 173 -1.06 -24.91 -10.10
C TYR A 173 -1.98 -23.76 -10.48
N ASP A 174 -1.51 -22.55 -10.20
CA ASP A 174 -2.26 -21.33 -10.48
C ASP A 174 -1.33 -20.34 -11.19
N PRO A 175 -1.43 -20.23 -12.52
CA PRO A 175 -0.60 -19.34 -13.32
C PRO A 175 -0.77 -17.84 -13.00
N SER A 176 -1.79 -17.49 -12.21
CA SER A 176 -1.95 -16.11 -11.79
C SER A 176 -0.94 -15.75 -10.69
N TYR A 177 -0.17 -16.76 -10.21
CA TYR A 177 0.91 -16.51 -9.26
C TYR A 177 2.25 -16.90 -9.89
N GLN A 178 3.33 -16.31 -9.39
CA GLN A 178 4.65 -16.50 -10.01
C GLN A 178 5.62 -17.33 -9.17
N CYS A 179 5.19 -17.88 -8.04
CA CYS A 179 6.09 -18.66 -7.18
C CYS A 179 6.42 -20.06 -7.68
N ASN A 180 7.50 -20.63 -7.13
CA ASN A 180 7.96 -21.94 -7.55
C ASN A 180 8.12 -22.94 -6.39
N GLY A 181 7.27 -22.81 -5.38
CA GLY A 181 7.21 -23.74 -4.27
C GLY A 181 8.49 -23.78 -3.47
N CYS A 182 9.04 -24.98 -3.31
CA CYS A 182 10.33 -25.13 -2.64
C CYS A 182 11.47 -24.74 -3.56
N GLY A 183 11.16 -24.34 -4.78
CA GLY A 183 12.18 -23.98 -5.74
C GLY A 183 12.70 -22.59 -5.46
N SER A 184 11.76 -21.66 -5.36
CA SER A 184 12.04 -20.25 -5.18
C SER A 184 10.69 -19.55 -5.15
N GLY A 185 10.66 -18.32 -4.64
CA GLY A 185 9.39 -17.62 -4.53
C GLY A 185 9.52 -16.16 -4.14
N TYR A 186 8.36 -15.50 -4.07
CA TYR A 186 8.30 -14.08 -3.86
C TYR A 186 7.35 -13.82 -2.73
N SER A 187 7.81 -13.10 -1.71
CA SER A 187 6.96 -12.79 -0.58
C SER A 187 5.81 -11.88 -1.04
N THR A 188 6.03 -11.06 -2.06
CA THR A 188 4.97 -10.19 -2.55
C THR A 188 3.82 -11.04 -3.09
N GLU A 189 4.17 -12.09 -3.81
CA GLU A 189 3.20 -13.03 -4.32
C GLU A 189 2.46 -13.70 -3.17
N ALA A 190 3.19 -13.97 -2.09
CA ALA A 190 2.57 -14.59 -0.92
C ALA A 190 1.53 -13.67 -0.28
N PHE A 191 1.87 -12.38 -0.10
CA PHE A 191 0.93 -11.42 0.43
C PHE A 191 -0.29 -11.29 -0.47
N LYS A 192 -0.05 -11.30 -1.79
CA LYS A 192 -1.14 -11.29 -2.78
C LYS A 192 -2.14 -12.41 -2.48
N TYR A 193 -1.61 -13.59 -2.19
CA TYR A 193 -2.44 -14.74 -1.88
C TYR A 193 -3.18 -14.50 -0.55
N MET A 194 -2.51 -13.84 0.37
CA MET A 194 -3.12 -13.55 1.66
C MET A 194 -4.27 -12.56 1.52
N ILE A 195 -4.21 -11.70 0.52
CA ILE A 195 -5.32 -10.79 0.23
C ILE A 195 -6.48 -11.51 -0.43
N ARG A 196 -6.20 -12.19 -1.53
CA ARG A 196 -7.28 -12.69 -2.35
C ARG A 196 -7.94 -13.93 -1.77
N THR A 197 -7.17 -14.72 -1.02
CA THR A 197 -7.64 -16.04 -0.56
C THR A 197 -7.54 -16.19 0.95
N GLY A 198 -6.48 -15.65 1.53
CA GLY A 198 -6.17 -15.83 2.94
C GLY A 198 -5.53 -17.17 3.25
N LEU A 199 -4.86 -17.27 4.39
CA LEU A 199 -4.22 -18.52 4.80
C LEU A 199 -4.92 -19.15 6.00
N VAL A 200 -5.05 -20.47 6.00
CA VAL A 200 -5.54 -21.16 7.18
C VAL A 200 -4.35 -21.35 8.13
N GLU A 201 -4.63 -21.76 9.36
CA GLU A 201 -3.57 -22.00 10.32
C GLU A 201 -2.79 -23.28 10.00
N GLU A 202 -1.56 -23.31 10.52
CA GLU A 202 -0.69 -24.47 10.46
C GLU A 202 -1.39 -25.82 10.75
N ARG A 203 -2.24 -25.85 11.78
CA ARG A 203 -2.97 -27.07 12.15
C ARG A 203 -3.72 -27.71 10.99
N ASN A 204 -4.25 -26.86 10.12
CA ASN A 204 -5.16 -27.33 9.09
C ASN A 204 -4.44 -27.62 7.76
N TYR A 205 -3.23 -27.12 7.62
CA TYR A 205 -2.46 -27.38 6.40
C TYR A 205 -0.99 -27.40 6.84
N PRO A 206 -0.54 -28.53 7.41
CA PRO A 206 0.79 -28.62 8.06
C PRO A 206 1.98 -28.60 7.10
N TYR A 207 3.14 -28.19 7.63
CA TYR A 207 4.34 -28.02 6.82
C TYR A 207 5.10 -29.34 6.60
N ASN A 208 5.44 -29.63 5.34
CA ASN A 208 6.17 -30.87 5.04
C ASN A 208 7.49 -30.62 4.29
N MET A 209 7.88 -29.36 4.23
CA MET A 209 9.05 -28.90 3.46
C MET A 209 9.18 -29.60 2.10
N ARG A 210 8.11 -29.54 1.32
CA ARG A 210 8.10 -30.07 -0.03
C ARG A 210 6.95 -29.46 -0.82
N THR A 211 7.12 -29.39 -2.13
CA THR A 211 6.04 -28.88 -2.98
C THR A 211 4.95 -29.94 -3.16
N GLN A 212 3.74 -29.60 -2.77
CA GLN A 212 2.62 -30.53 -2.90
C GLN A 212 1.58 -29.96 -3.84
N TRP A 213 0.58 -30.77 -4.15
CA TRP A 213 -0.61 -30.28 -4.83
C TRP A 213 -1.46 -29.45 -3.88
N CYS A 214 -1.83 -28.25 -4.34
CA CYS A 214 -2.61 -27.33 -3.53
C CYS A 214 -3.95 -27.94 -3.15
N ASP A 215 -4.25 -27.88 -1.86
CA ASP A 215 -5.57 -28.21 -1.40
C ASP A 215 -6.27 -26.89 -1.13
N PRO A 216 -7.28 -26.56 -1.96
CA PRO A 216 -8.09 -25.36 -1.76
C PRO A 216 -9.37 -25.61 -0.94
N ASP A 217 -9.79 -26.86 -0.79
CA ASP A 217 -10.97 -27.14 0.05
C ASP A 217 -10.54 -27.48 1.48
N VAL A 218 -9.50 -26.79 1.95
CA VAL A 218 -9.16 -26.82 3.36
C VAL A 218 -10.04 -25.83 4.07
N GLU A 219 -10.78 -26.29 5.08
CA GLU A 219 -11.53 -25.32 5.86
C GLU A 219 -10.71 -24.95 7.09
N GLY A 220 -11.29 -24.11 7.93
CA GLY A 220 -10.56 -23.53 9.03
C GLY A 220 -10.70 -22.06 8.77
N GLN A 221 -10.52 -21.25 9.80
CA GLN A 221 -10.58 -19.82 9.62
C GLN A 221 -9.44 -19.37 8.70
N ARG A 222 -9.68 -18.34 7.91
CA ARG A 222 -8.63 -17.82 7.03
C ARG A 222 -8.23 -16.44 7.45
N TYR A 223 -6.92 -16.21 7.47
CA TYR A 223 -6.38 -14.92 7.87
C TYR A 223 -5.84 -14.18 6.65
N HIS A 224 -6.30 -12.94 6.48
CA HIS A 224 -5.90 -12.15 5.33
C HIS A 224 -4.99 -11.01 5.75
N VAL A 225 -4.39 -10.37 4.75
CA VAL A 225 -3.95 -8.99 4.90
C VAL A 225 -4.79 -8.22 3.86
N SER A 226 -4.77 -6.90 3.87
CA SER A 226 -5.55 -6.15 2.89
C SER A 226 -4.69 -5.52 1.81
N GLY A 227 -3.39 -5.45 2.05
CA GLY A 227 -2.50 -4.82 1.09
C GLY A 227 -1.05 -4.98 1.48
N TYR A 228 -0.16 -4.62 0.56
CA TYR A 228 1.27 -4.65 0.81
C TYR A 228 1.95 -3.67 -0.11
N GLN A 229 3.14 -3.22 0.25
CA GLN A 229 3.86 -2.27 -0.59
C GLN A 229 5.35 -2.52 -0.52
N GLN A 230 5.97 -2.67 -1.68
CA GLN A 230 7.41 -2.87 -1.75
C GLN A 230 8.10 -1.55 -1.90
N LEU A 231 9.07 -1.27 -1.03
CA LEU A 231 9.77 0.00 -1.07
C LEU A 231 10.71 0.10 -2.28
N ARG A 232 11.12 1.33 -2.57
CA ARG A 232 12.09 1.66 -3.60
C ARG A 232 13.36 0.80 -3.46
N TYR A 233 13.87 0.29 -4.59
CA TYR A 233 15.14 -0.42 -4.64
C TYR A 233 16.22 0.45 -4.01
N HIS A 234 17.10 -0.16 -3.22
CA HIS A 234 18.14 0.59 -2.49
C HIS A 234 17.53 1.64 -1.56
N SER A 235 16.47 1.32 -0.84
CA SER A 235 15.93 2.29 0.10
C SER A 235 16.96 2.65 1.15
N SER A 236 16.87 3.89 1.64
CA SER A 236 17.72 4.32 2.72
C SER A 236 17.37 3.57 4.00
N ASP A 237 18.34 3.48 4.90
CA ASP A 237 18.11 2.85 6.21
C ASP A 237 16.94 3.55 6.92
N GLU A 238 16.96 4.88 6.86
CA GLU A 238 15.94 5.71 7.48
C GLU A 238 14.52 5.38 6.99
N ASP A 239 14.33 5.28 5.67
CA ASP A 239 13.02 4.88 5.14
C ASP A 239 12.61 3.53 5.72
N VAL A 240 13.56 2.59 5.70
CA VAL A 240 13.29 1.24 6.18
C VAL A 240 12.91 1.26 7.64
N MET A 241 13.70 1.96 8.47
CA MET A 241 13.43 2.08 9.90
C MET A 241 12.08 2.73 10.17
N TYR A 242 11.80 3.81 9.46
CA TYR A 242 10.49 4.41 9.59
C TYR A 242 9.34 3.48 9.17
N THR A 243 9.53 2.77 8.06
CA THR A 243 8.54 1.78 7.59
C THR A 243 8.29 0.73 8.67
N ILE A 244 9.36 0.26 9.28
CA ILE A 244 9.27 -0.74 10.35
C ILE A 244 8.51 -0.17 11.53
N GLN A 245 8.81 1.07 11.88
CA GLN A 245 8.12 1.74 12.97
C GLN A 245 6.61 1.92 12.69
N GLN A 246 6.25 2.35 11.48
CA GLN A 246 4.86 2.67 11.18
C GLN A 246 4.04 1.50 10.61
N HIS A 247 4.69 0.54 9.96
CA HIS A 247 3.91 -0.55 9.37
C HIS A 247 4.22 -1.95 9.93
N GLY A 248 5.13 -2.03 10.91
CA GLY A 248 5.48 -3.32 11.49
C GLY A 248 6.68 -3.99 10.84
N PRO A 249 6.98 -5.24 11.27
CA PRO A 249 8.08 -6.01 10.68
C PRO A 249 7.94 -6.11 9.16
N VAL A 250 9.07 -6.08 8.47
CA VAL A 250 9.08 -6.07 7.01
C VAL A 250 9.87 -7.24 6.45
N VAL A 251 9.45 -7.73 5.29
CA VAL A 251 10.21 -8.72 4.52
C VAL A 251 11.36 -8.03 3.82
N ILE A 252 12.54 -8.64 3.87
CA ILE A 252 13.65 -8.21 3.04
C ILE A 252 14.23 -9.41 2.28
N TYR A 253 14.88 -9.13 1.17
CA TYR A 253 15.59 -10.15 0.42
CA TYR A 253 15.57 -10.17 0.43
C TYR A 253 17.06 -9.87 0.48
N MET A 254 17.84 -10.88 0.83
CA MET A 254 19.27 -10.66 0.98
C MET A 254 20.09 -11.87 0.55
N HIS A 255 21.39 -11.79 0.79
CA HIS A 255 22.32 -12.80 0.33
C HIS A 255 22.52 -13.84 1.45
N GLY A 256 21.55 -14.72 1.61
CA GLY A 256 21.57 -15.69 2.70
C GLY A 256 22.68 -16.73 2.61
N SER A 257 23.14 -17.05 1.40
CA SER A 257 24.12 -18.12 1.23
C SER A 257 25.57 -17.65 1.44
N ASN A 258 25.75 -16.35 1.66
CA ASN A 258 27.06 -15.82 2.08
C ASN A 258 27.57 -16.54 3.33
N ASN A 259 28.85 -16.92 3.33
CA ASN A 259 29.42 -17.74 4.41
C ASN A 259 29.22 -17.17 5.79
N TYR A 260 29.44 -15.86 5.93
CA TYR A 260 29.32 -15.20 7.23
C TYR A 260 27.87 -15.20 7.72
N PHE A 261 26.95 -14.85 6.84
CA PHE A 261 25.55 -14.85 7.23
C PHE A 261 25.08 -16.29 7.48
N ARG A 262 25.48 -17.19 6.58
CA ARG A 262 25.15 -18.62 6.67
C ARG A 262 25.39 -19.21 8.05
N ASN A 263 26.57 -18.93 8.60
CA ASN A 263 26.96 -19.57 9.85
C ASN A 263 26.85 -18.68 11.06
N LEU A 264 26.18 -17.53 10.89
CA LEU A 264 26.07 -16.55 11.96
C LEU A 264 25.49 -17.13 13.26
N GLY A 265 26.16 -16.83 14.37
CA GLY A 265 25.61 -17.08 15.69
C GLY A 265 25.38 -15.75 16.41
N ASN A 266 25.92 -15.62 17.62
CA ASN A 266 25.92 -14.33 18.33
C ASN A 266 26.87 -13.31 17.70
N GLY A 267 26.59 -12.02 17.91
CA GLY A 267 27.48 -10.95 17.48
C GLY A 267 26.91 -10.08 16.38
N VAL A 268 27.59 -8.97 16.08
CA VAL A 268 27.13 -8.12 14.99
C VAL A 268 28.01 -8.30 13.77
N LEU A 269 27.41 -8.80 12.70
CA LEU A 269 28.10 -9.00 11.45
C LEU A 269 28.43 -7.66 10.81
N ARG A 270 29.71 -7.32 10.79
CA ARG A 270 30.19 -6.08 10.19
C ARG A 270 31.02 -6.35 8.93
N GLY A 271 31.09 -5.37 8.05
CA GLY A 271 31.96 -5.42 6.89
C GLY A 271 31.70 -6.54 5.89
N VAL A 272 30.46 -7.02 5.80
CA VAL A 272 30.16 -8.09 4.84
C VAL A 272 29.33 -7.58 3.65
N ALA A 273 29.85 -7.80 2.46
CA ALA A 273 29.09 -7.70 1.21
C ALA A 273 28.35 -6.38 1.08
N TYR A 274 29.08 -5.28 1.15
CA TYR A 274 28.50 -3.95 1.01
C TYR A 274 27.82 -3.80 -0.34
N ASN A 275 26.60 -3.25 -0.33
CA ASN A 275 25.83 -3.00 -1.56
C ASN A 275 25.65 -4.25 -2.41
N ASP A 276 25.48 -5.40 -1.77
CA ASP A 276 25.30 -6.65 -2.50
C ASP A 276 24.10 -6.64 -3.46
N ALA A 277 24.33 -7.04 -4.70
CA ALA A 277 23.24 -7.13 -5.68
C ALA A 277 22.64 -8.54 -5.70
N TYR A 278 23.38 -9.50 -5.16
CA TYR A 278 22.97 -10.89 -5.22
C TYR A 278 22.12 -11.26 -4.02
N THR A 279 20.88 -11.65 -4.29
CA THR A 279 19.94 -12.01 -3.26
C THR A 279 19.42 -13.44 -3.53
N ASP A 280 19.28 -14.25 -2.47
CA ASP A 280 18.71 -15.58 -2.60
C ASP A 280 17.96 -16.04 -1.36
N HIS A 281 17.74 -15.14 -0.42
CA HIS A 281 17.07 -15.52 0.82
C HIS A 281 16.16 -14.42 1.31
N ALA A 282 14.93 -14.79 1.68
CA ALA A 282 14.00 -13.84 2.27
C ALA A 282 13.96 -13.98 3.78
N VAL A 283 14.01 -12.86 4.50
CA VAL A 283 13.88 -12.88 5.96
C VAL A 283 13.08 -11.65 6.39
N ILE A 284 13.05 -11.38 7.69
CA ILE A 284 12.26 -10.29 8.26
C ILE A 284 13.12 -9.36 9.12
N LEU A 285 12.97 -8.05 8.92
CA LEU A 285 13.52 -7.07 9.85
C LEU A 285 12.48 -6.79 10.91
N VAL A 286 12.86 -6.92 12.18
CA VAL A 286 11.93 -6.64 13.25
C VAL A 286 12.36 -5.43 14.06
N GLY A 287 13.48 -4.84 13.69
CA GLY A 287 13.96 -3.65 14.37
C GLY A 287 15.41 -3.29 14.17
N TRP A 288 15.90 -2.42 15.04
CA TRP A 288 17.27 -1.96 14.94
C TRP A 288 17.75 -1.47 16.28
N GLY A 289 19.07 -1.30 16.38
CA GLY A 289 19.68 -0.86 17.59
C GLY A 289 21.11 -0.43 17.34
N THR A 290 21.76 0.02 18.39
CA THR A 290 23.15 0.43 18.38
C THR A 290 23.85 -0.18 19.56
N VAL A 291 24.95 -0.89 19.32
CA VAL A 291 25.73 -1.40 20.45
C VAL A 291 27.17 -0.89 20.35
N GLN A 292 27.53 -0.04 21.30
CA GLN A 292 28.85 0.55 21.38
C GLN A 292 29.40 1.07 20.05
N GLY A 293 28.70 2.03 19.46
CA GLY A 293 29.14 2.67 18.24
C GLY A 293 28.69 1.99 16.97
N VAL A 294 28.20 0.76 17.09
CA VAL A 294 27.82 -0.02 15.91
C VAL A 294 26.31 -0.13 15.69
N ASP A 295 25.81 0.50 14.62
CA ASP A 295 24.40 0.40 14.27
C ASP A 295 24.08 -0.93 13.57
N TYR A 296 23.02 -1.62 14.00
CA TYR A 296 22.68 -2.91 13.41
C TYR A 296 21.19 -3.07 13.14
N TRP A 297 20.89 -4.03 12.28
CA TRP A 297 19.53 -4.47 12.01
C TRP A 297 19.23 -5.70 12.86
N ILE A 298 17.97 -5.88 13.26
CA ILE A 298 17.56 -7.14 13.86
C ILE A 298 16.80 -7.99 12.84
N ILE A 299 17.36 -9.15 12.53
CA ILE A 299 16.83 -10.02 11.49
C ILE A 299 16.17 -11.25 12.06
N ARG A 300 14.90 -11.44 11.74
CA ARG A 300 14.22 -12.70 12.07
C ARG A 300 14.37 -13.69 10.92
N ASN A 301 15.05 -14.79 11.19
CA ASN A 301 15.36 -15.79 10.18
C ASN A 301 14.45 -17.00 10.36
N SER A 302 14.43 -17.91 9.39
CA SER A 302 13.58 -19.10 9.45
C SER A 302 14.41 -20.40 9.41
N TRP A 303 15.49 -20.41 10.18
CA TRP A 303 16.40 -21.57 10.20
C TRP A 303 16.50 -22.21 11.58
N GLY A 304 15.45 -22.06 12.38
CA GLY A 304 15.43 -22.63 13.72
C GLY A 304 16.15 -21.75 14.73
N THR A 305 15.94 -22.05 16.00
CA THR A 305 16.54 -21.28 17.09
C THR A 305 18.03 -21.56 17.22
N GLY A 306 18.52 -22.52 16.45
CA GLY A 306 19.92 -22.91 16.50
C GLY A 306 20.81 -21.94 15.75
N TRP A 307 20.23 -21.16 14.83
CA TRP A 307 21.00 -20.17 14.07
C TRP A 307 20.98 -18.80 14.77
N GLY A 308 22.02 -18.02 14.54
CA GLY A 308 22.15 -16.71 15.14
C GLY A 308 21.98 -16.77 16.64
N ASN A 309 21.29 -15.79 17.20
CA ASN A 309 20.96 -15.78 18.63
C ASN A 309 19.48 -16.13 18.84
N GLY A 310 19.20 -17.40 19.13
CA GLY A 310 17.84 -17.86 19.22
C GLY A 310 17.03 -17.67 17.94
N GLY A 311 17.70 -17.69 16.80
CA GLY A 311 17.02 -17.63 15.51
C GLY A 311 17.02 -16.23 14.93
N TYR A 312 17.56 -15.29 15.70
CA TYR A 312 17.67 -13.88 15.30
C TYR A 312 19.13 -13.53 15.04
N GLY A 313 19.37 -12.65 14.07
CA GLY A 313 20.72 -12.26 13.73
C GLY A 313 20.89 -10.76 13.72
N TYR A 314 22.13 -10.30 13.84
CA TYR A 314 22.40 -8.87 13.86
C TYR A 314 23.38 -8.50 12.76
N VAL A 315 22.93 -7.63 11.85
CA VAL A 315 23.80 -7.16 10.77
C VAL A 315 23.95 -5.65 10.80
N GLU A 316 25.18 -5.18 10.65
CA GLU A 316 25.47 -3.76 10.65
C GLU A 316 24.64 -2.99 9.60
N ARG A 317 24.13 -1.82 10.01
CA ARG A 317 23.41 -0.92 9.10
C ARG A 317 24.39 -0.04 8.32
N GLY A 318 23.86 0.79 7.43
CA GLY A 318 24.63 1.86 6.83
C GLY A 318 25.36 1.55 5.53
N HIS A 319 25.22 0.31 5.05
CA HIS A 319 26.01 -0.10 3.89
C HIS A 319 25.31 -1.04 2.93
N ASN A 320 23.99 -1.14 3.03
CA ASN A 320 23.24 -2.11 2.26
C ASN A 320 23.94 -3.45 2.30
N SER A 321 24.39 -3.82 3.50
CA SER A 321 25.12 -5.04 3.69
C SER A 321 24.29 -6.24 3.21
N LEU A 322 24.89 -7.09 2.38
CA LEU A 322 24.21 -8.27 1.86
C LEU A 322 22.90 -7.97 1.15
N GLY A 323 22.71 -6.76 0.63
CA GLY A 323 21.51 -6.39 -0.09
C GLY A 323 20.23 -6.26 0.74
N ILE A 324 20.38 -6.08 2.05
CA ILE A 324 19.27 -5.92 2.98
C ILE A 324 18.27 -4.84 2.54
N ASN A 325 18.77 -3.73 2.00
CA ASN A 325 17.92 -2.63 1.55
C ASN A 325 17.33 -2.79 0.13
N ASN A 326 17.62 -3.88 -0.55
CA ASN A 326 17.25 -3.97 -1.96
C ASN A 326 15.73 -4.10 -2.16
N TYR A 327 15.12 -5.00 -1.40
CA TYR A 327 13.73 -5.39 -1.63
C TYR A 327 12.95 -5.49 -0.34
N VAL A 328 12.57 -4.35 0.18
CA VAL A 328 11.89 -4.29 1.45
C VAL A 328 10.38 -4.12 1.21
N THR A 329 9.58 -4.98 1.84
CA THR A 329 8.14 -4.99 1.63
C THR A 329 7.40 -5.03 2.94
N TYR A 330 6.43 -4.13 3.12
CA TYR A 330 5.57 -4.20 4.29
C TYR A 330 4.14 -4.60 3.90
N ALA A 331 3.35 -5.02 4.87
CA ALA A 331 1.96 -5.36 4.60
C ALA A 331 1.03 -4.58 5.51
N THR A 332 -0.25 -4.65 5.19
CA THR A 332 -1.28 -3.88 5.87
C THR A 332 -2.49 -4.78 6.13
N LEU A 333 -2.92 -4.83 7.39
CA LEU A 333 -4.14 -5.57 7.74
C LEU A 333 -5.40 -4.73 7.49
N ARG B 22 -19.59 35.96 -10.71
CA ARG B 22 -19.48 35.82 -9.26
C ARG B 22 -20.53 36.66 -8.54
N GLU B 23 -21.38 37.34 -9.30
CA GLU B 23 -22.47 38.12 -8.72
C GLU B 23 -23.83 37.50 -9.09
N GLU B 24 -24.72 37.49 -8.11
CA GLU B 24 -25.90 36.63 -8.06
C GLU B 24 -26.68 36.39 -9.35
N ILE B 25 -26.98 35.11 -9.57
CA ILE B 25 -27.90 34.66 -10.60
C ILE B 25 -29.29 34.48 -9.99
N LYS B 26 -30.30 35.16 -10.52
CA LYS B 26 -31.62 35.11 -9.90
C LYS B 26 -32.75 34.59 -10.80
N THR B 27 -32.46 34.35 -12.08
CA THR B 27 -33.46 33.77 -12.97
C THR B 27 -32.89 32.61 -13.78
N PHE B 28 -33.80 31.78 -14.31
CA PHE B 28 -33.41 30.59 -15.05
C PHE B 28 -32.74 30.95 -16.38
N GLU B 29 -33.20 32.00 -17.04
CA GLU B 29 -32.58 32.38 -18.29
C GLU B 29 -31.23 33.03 -18.01
N GLN B 30 -31.14 33.78 -16.91
CA GLN B 30 -29.83 34.29 -16.50
C GLN B 30 -28.92 33.10 -16.24
N PHE B 31 -29.48 32.05 -15.65
CA PHE B 31 -28.74 30.81 -15.40
C PHE B 31 -28.25 30.18 -16.71
N LYS B 32 -29.16 30.01 -17.66
CA LYS B 32 -28.84 29.40 -18.95
C LYS B 32 -27.69 30.11 -19.67
N LYS B 33 -27.73 31.44 -19.64
CA LYS B 33 -26.71 32.25 -20.30
C LYS B 33 -25.34 32.07 -19.64
N VAL B 34 -25.25 32.35 -18.35
CA VAL B 34 -23.98 32.29 -17.61
C VAL B 34 -23.27 30.95 -17.73
N PHE B 35 -24.05 29.86 -17.76
CA PHE B 35 -23.47 28.54 -17.75
C PHE B 35 -23.60 27.79 -19.07
N GLY B 36 -23.87 28.55 -20.13
CA GLY B 36 -23.94 28.01 -21.48
C GLY B 36 -24.88 26.83 -21.66
N LYS B 37 -26.04 26.88 -20.99
CA LYS B 37 -26.96 25.75 -21.00
C LYS B 37 -27.74 25.65 -22.30
N VAL B 38 -27.67 24.48 -22.93
CA VAL B 38 -28.54 24.18 -24.07
C VAL B 38 -29.16 22.81 -23.84
N TYR B 39 -30.49 22.72 -23.93
CA TYR B 39 -31.17 21.48 -23.56
C TYR B 39 -31.70 20.73 -24.78
N ARG B 40 -31.98 19.44 -24.59
CA ARG B 40 -32.36 18.53 -25.66
C ARG B 40 -33.71 18.89 -26.30
N ASN B 41 -34.76 18.83 -25.49
CA ASN B 41 -36.10 19.14 -25.94
C ASN B 41 -36.88 19.93 -24.89
N ALA B 42 -38.14 20.25 -25.19
CA ALA B 42 -38.97 20.98 -24.25
C ALA B 42 -39.11 20.19 -22.95
N GLU B 43 -39.27 18.87 -23.08
CA GLU B 43 -39.40 17.99 -21.90
C GLU B 43 -38.27 18.20 -20.93
N GLU B 44 -37.04 18.23 -21.42
CA GLU B 44 -35.90 18.40 -20.52
C GLU B 44 -35.84 19.82 -19.96
N GLU B 45 -36.20 20.81 -20.77
CA GLU B 45 -36.08 22.20 -20.34
C GLU B 45 -37.04 22.51 -19.18
N ALA B 46 -38.26 21.99 -19.30
CA ALA B 46 -39.28 22.17 -18.26
C ALA B 46 -38.81 21.63 -16.91
N ARG B 47 -38.21 20.43 -16.91
CA ARG B 47 -37.75 19.81 -15.68
C ARG B 47 -36.57 20.58 -15.07
N ARG B 48 -35.67 21.04 -15.94
CA ARG B 48 -34.52 21.84 -15.52
C ARG B 48 -34.94 23.16 -14.89
N GLU B 49 -35.90 23.84 -15.50
CA GLU B 49 -36.38 25.10 -14.94
C GLU B 49 -36.96 24.91 -13.53
N HIS B 50 -37.80 23.89 -13.36
CA HIS B 50 -38.44 23.64 -12.08
C HIS B 50 -37.41 23.40 -10.95
N HIS B 51 -36.39 22.60 -11.21
CA HIS B 51 -35.42 22.29 -10.15
C HIS B 51 -34.42 23.44 -9.93
N PHE B 52 -34.20 24.27 -10.93
CA PHE B 52 -33.39 25.46 -10.71
C PHE B 52 -34.06 26.34 -9.65
N LYS B 53 -35.36 26.58 -9.83
CA LYS B 53 -36.14 27.37 -8.89
C LYS B 53 -36.03 26.83 -7.46
N GLU B 54 -36.14 25.50 -7.32
CA GLU B 54 -35.91 24.86 -6.02
C GLU B 54 -34.54 25.18 -5.44
N GLN B 55 -33.49 24.97 -6.24
CA GLN B 55 -32.13 25.17 -5.76
C GLN B 55 -31.87 26.63 -5.38
N LEU B 56 -32.31 27.54 -6.24
CA LEU B 56 -32.18 28.96 -5.94
C LEU B 56 -32.82 29.27 -4.60
N LYS B 57 -33.99 28.70 -4.39
CA LYS B 57 -34.73 29.03 -3.18
C LYS B 57 -33.95 28.46 -1.98
N TRP B 58 -33.36 27.27 -2.16
CA TRP B 58 -32.51 26.71 -1.11
C TRP B 58 -31.34 27.64 -0.80
N VAL B 59 -30.72 28.17 -1.85
CA VAL B 59 -29.55 29.04 -1.69
C VAL B 59 -29.92 30.31 -0.91
N GLU B 60 -31.04 30.93 -1.26
CA GLU B 60 -31.46 32.18 -0.62
C GLU B 60 -31.85 31.99 0.86
N GLU B 61 -32.46 30.84 1.14
CA GLU B 61 -32.81 30.50 2.50
C GLU B 61 -31.57 30.33 3.41
N HIS B 62 -30.48 29.87 2.82
CA HIS B 62 -29.37 29.39 3.62
C HIS B 62 -28.13 30.26 3.56
N ASN B 63 -28.00 31.11 2.54
CA ASN B 63 -26.81 31.94 2.38
C ASN B 63 -26.56 32.82 3.61
N GLY B 64 -25.36 32.72 4.18
CA GLY B 64 -25.00 33.52 5.35
C GLY B 64 -25.04 32.79 6.70
N ILE B 65 -25.96 31.83 6.82
CA ILE B 65 -26.16 31.08 8.06
C ILE B 65 -24.87 30.44 8.59
N ASP B 66 -24.57 30.70 9.85
CA ASP B 66 -23.35 30.21 10.51
C ASP B 66 -22.09 30.74 9.83
N GLY B 67 -22.21 31.90 9.17
CA GLY B 67 -21.10 32.50 8.46
C GLY B 67 -20.59 31.64 7.29
N VAL B 68 -21.49 30.91 6.65
CA VAL B 68 -21.14 30.09 5.50
C VAL B 68 -21.89 30.58 4.26
N GLU B 69 -21.16 30.79 3.17
CA GLU B 69 -21.77 31.21 1.91
C GLU B 69 -22.27 30.02 1.11
N TYR B 70 -23.45 30.15 0.51
CA TYR B 70 -23.93 29.16 -0.46
C TYR B 70 -24.26 29.84 -1.77
N ALA B 71 -24.04 29.16 -2.88
CA ALA B 71 -24.17 29.79 -4.20
C ALA B 71 -24.54 28.81 -5.33
N ILE B 72 -25.37 29.30 -6.26
CA ILE B 72 -25.76 28.57 -7.47
C ILE B 72 -24.53 28.18 -8.30
N ASN B 73 -24.56 27.01 -8.94
CA ASN B 73 -23.48 26.57 -9.82
C ASN B 73 -24.02 25.86 -11.06
N GLU B 74 -23.15 25.26 -11.85
CA GLU B 74 -23.55 24.61 -13.10
C GLU B 74 -24.57 23.47 -12.90
N TYR B 75 -24.58 22.84 -11.73
CA TYR B 75 -25.47 21.71 -11.44
C TYR B 75 -26.82 22.09 -10.82
N SER B 76 -27.08 23.39 -10.71
CA SER B 76 -28.26 23.87 -9.98
C SER B 76 -29.59 23.63 -10.70
N ASP B 77 -29.55 23.07 -11.91
CA ASP B 77 -30.80 22.72 -12.59
C ASP B 77 -31.14 21.25 -12.39
N MET B 78 -30.58 20.64 -11.35
CA MET B 78 -30.82 19.24 -11.05
C MET B 78 -31.30 19.01 -9.62
N SER B 79 -32.39 18.26 -9.49
CA SER B 79 -32.83 17.75 -8.20
C SER B 79 -31.71 16.98 -7.51
N GLU B 80 -31.84 16.82 -6.19
CA GLU B 80 -30.89 16.02 -5.43
C GLU B 80 -30.67 14.67 -6.11
N GLN B 81 -31.77 14.00 -6.45
CA GLN B 81 -31.77 12.66 -7.04
C GLN B 81 -31.07 12.59 -8.39
N GLU B 82 -31.40 13.50 -9.32
CA GLU B 82 -30.77 13.41 -10.63
C GLU B 82 -29.31 13.91 -10.59
N PHE B 83 -28.98 14.75 -9.61
CA PHE B 83 -27.60 15.19 -9.45
C PHE B 83 -26.77 14.03 -8.89
N SER B 84 -27.32 13.36 -7.87
CA SER B 84 -26.70 12.15 -7.36
C SER B 84 -26.43 11.17 -8.50
N PHE B 85 -27.43 10.98 -9.36
CA PHE B 85 -27.30 10.12 -10.54
C PHE B 85 -26.24 10.66 -11.51
N HIS B 86 -26.25 11.98 -11.69
CA HIS B 86 -25.25 12.67 -12.48
C HIS B 86 -23.84 12.40 -11.97
N LEU B 87 -23.69 12.27 -10.65
CA LEU B 87 -22.38 12.03 -10.07
C LEU B 87 -21.95 10.57 -10.17
N SER B 88 -22.85 9.63 -9.89
CA SER B 88 -22.45 8.23 -9.94
C SER B 88 -23.60 7.26 -10.22
N GLY B 89 -24.46 7.62 -11.16
CA GLY B 89 -25.47 6.72 -11.73
C GLY B 89 -26.18 5.75 -10.81
N GLY B 90 -26.26 6.09 -9.53
CA GLY B 90 -26.87 5.22 -8.53
C GLY B 90 -26.26 3.82 -8.52
N GLY B 91 -25.01 3.70 -8.96
CA GLY B 91 -24.38 2.42 -9.14
C GLY B 91 -23.02 2.27 -8.48
N LEU B 92 -22.93 2.63 -7.20
CA LEU B 92 -21.72 2.43 -6.42
C LEU B 92 -21.84 1.24 -5.48
N ASN B 93 -21.26 0.11 -5.88
CA ASN B 93 -21.24 -1.11 -5.05
C ASN B 93 -20.39 -0.90 -3.78
N PHE B 94 -21.05 -0.65 -2.66
CA PHE B 94 -20.37 -0.44 -1.39
C PHE B 94 -19.87 -1.73 -0.75
N THR B 95 -20.49 -2.85 -1.10
CA THR B 95 -19.95 -4.13 -0.67
C THR B 95 -18.54 -4.28 -1.24
N TYR B 96 -18.41 -3.89 -2.50
CA TYR B 96 -17.16 -3.98 -3.23
C TYR B 96 -16.09 -3.08 -2.58
N MET B 97 -16.47 -1.83 -2.33
CA MET B 97 -15.57 -0.85 -1.74
C MET B 97 -15.10 -1.26 -0.35
N LYS B 98 -16.00 -1.81 0.47
CA LYS B 98 -15.64 -2.23 1.83
C LYS B 98 -14.68 -3.44 1.84
N MET B 99 -14.83 -4.34 0.87
CA MET B 99 -13.97 -5.52 0.81
C MET B 99 -12.53 -5.16 0.51
N GLU B 100 -12.34 -4.07 -0.22
CA GLU B 100 -11.02 -3.59 -0.61
C GLU B 100 -10.24 -2.95 0.54
N ALA B 101 -10.98 -2.37 1.49
CA ALA B 101 -10.40 -1.61 2.59
C ALA B 101 -9.52 -2.42 3.54
N ALA B 102 -8.54 -1.75 4.13
CA ALA B 102 -7.90 -2.27 5.35
C ALA B 102 -8.97 -2.65 6.37
N LYS B 103 -8.67 -3.67 7.16
CA LYS B 103 -9.58 -4.13 8.21
C LYS B 103 -9.19 -3.59 9.60
N GLU B 104 -7.95 -3.11 9.74
CA GLU B 104 -7.48 -2.57 11.03
C GLU B 104 -7.12 -1.10 10.92
N PRO B 105 -7.19 -0.36 12.04
CA PRO B 105 -6.63 1.00 12.03
C PRO B 105 -5.12 1.00 11.84
N LEU B 106 -4.53 2.20 11.69
CA LEU B 106 -3.08 2.32 11.63
C LEU B 106 -2.47 1.82 12.93
N ILE B 107 -1.27 1.27 12.85
CA ILE B 107 -0.50 0.95 14.04
C ILE B 107 -0.41 2.24 14.85
N ASN B 108 -0.85 2.15 16.10
CA ASN B 108 -1.32 3.30 16.86
C ASN B 108 -0.24 3.98 17.63
N THR B 109 0.92 4.18 16.99
CA THR B 109 2.09 4.62 17.74
C THR B 109 2.57 6.02 17.37
N TYR B 110 2.07 6.55 16.25
CA TYR B 110 2.47 7.87 15.79
C TYR B 110 2.14 8.95 16.85
N GLY B 111 3.18 9.67 17.27
CA GLY B 111 3.12 10.51 18.46
C GLY B 111 2.04 11.57 18.53
N SER B 112 2.27 12.69 17.85
CA SER B 112 1.31 13.79 17.85
C SER B 112 1.25 14.47 16.49
N LEU B 113 0.12 15.11 16.23
CA LEU B 113 -0.13 15.74 14.93
C LEU B 113 -0.15 17.24 15.07
N PRO B 114 0.48 17.93 14.11
CA PRO B 114 0.40 19.40 14.13
C PRO B 114 -1.05 19.86 13.99
N GLN B 115 -1.34 21.00 14.61
CA GLN B 115 -2.68 21.56 14.61
C GLN B 115 -3.15 21.96 13.20
N ASN B 116 -2.21 22.34 12.34
CA ASN B 116 -2.54 22.80 10.99
C ASN B 116 -1.63 22.11 9.98
N PHE B 117 -2.19 21.75 8.83
CA PHE B 117 -1.40 21.09 7.79
C PHE B 117 -2.11 21.26 6.46
N ASP B 118 -1.41 21.85 5.49
CA ASP B 118 -2.01 22.20 4.22
C ASP B 118 -1.04 21.91 3.08
N TRP B 119 -1.25 20.80 2.36
CA TRP B 119 -0.36 20.45 1.26
C TRP B 119 -0.30 21.58 0.21
N ARG B 120 -1.30 22.45 0.18
CA ARG B 120 -1.20 23.60 -0.74
C ARG B 120 -0.01 24.53 -0.44
N GLN B 121 0.39 24.64 0.84
CA GLN B 121 1.52 25.54 1.14
C GLN B 121 2.81 24.75 1.24
N LYS B 122 2.70 23.43 1.36
CA LYS B 122 3.89 22.60 1.47
C LYS B 122 4.37 22.13 0.10
N ALA B 123 3.58 22.40 -0.93
CA ALA B 123 3.94 21.99 -2.28
C ALA B 123 3.18 22.78 -3.32
N ARG B 124 3.64 22.70 -4.56
CA ARG B 124 3.01 23.41 -5.65
C ARG B 124 1.95 22.52 -6.28
N LEU B 125 0.71 22.65 -5.82
CA LEU B 125 -0.32 21.74 -6.27
C LEU B 125 -0.84 22.22 -7.61
N THR B 126 -1.48 21.32 -8.36
CA THR B 126 -1.93 21.70 -9.68
C THR B 126 -3.23 22.49 -9.53
N ARG B 127 -3.63 23.19 -10.58
CA ARG B 127 -4.82 24.00 -10.50
C ARG B 127 -6.08 23.16 -10.46
N ILE B 128 -7.12 23.75 -9.89
CA ILE B 128 -8.45 23.16 -9.77
C ILE B 128 -9.03 22.76 -11.14
N ARG B 129 -9.59 21.54 -11.22
CA ARG B 129 -10.19 21.05 -12.45
C ARG B 129 -11.71 21.11 -12.40
N GLN B 130 -12.33 20.78 -13.52
CA GLN B 130 -13.79 20.87 -13.62
C GLN B 130 -14.34 19.69 -14.43
N GLN B 131 -15.00 18.75 -13.75
CA GLN B 131 -15.46 17.52 -14.40
C GLN B 131 -16.67 17.76 -15.34
N GLY B 132 -17.41 18.82 -15.09
CA GLY B 132 -18.53 19.19 -15.95
C GLY B 132 -19.64 18.16 -15.87
N SER B 133 -20.33 17.92 -16.98
CA SER B 133 -21.49 17.04 -17.01
C SER B 133 -21.08 15.59 -17.24
N CYS B 134 -20.31 15.04 -16.32
CA CYS B 134 -19.82 13.69 -16.41
C CYS B 134 -19.55 13.20 -14.99
N GLY B 135 -19.97 11.99 -14.65
CA GLY B 135 -19.77 11.46 -13.32
C GLY B 135 -18.36 10.88 -13.16
N SER B 136 -17.37 11.71 -13.39
CA SER B 136 -15.99 11.26 -13.48
C SER B 136 -15.15 11.69 -12.28
N TRP B 138 -14.36 10.27 -9.65
CA TRP B 138 -13.42 9.24 -9.21
C TRP B 138 -12.09 9.37 -9.98
N ALA B 139 -12.17 9.72 -11.25
CA ALA B 139 -10.98 9.90 -12.06
C ALA B 139 -10.19 11.16 -11.65
N PHE B 140 -10.89 12.28 -11.48
CA PHE B 140 -10.25 13.52 -11.09
C PHE B 140 -9.58 13.41 -9.73
N ALA B 141 -10.18 12.64 -8.82
CA ALA B 141 -9.64 12.55 -7.48
C ALA B 141 -8.37 11.73 -7.52
N ALA B 142 -8.39 10.64 -8.27
CA ALA B 142 -7.21 9.80 -8.36
C ALA B 142 -6.09 10.54 -9.07
N ALA B 143 -6.42 11.22 -10.16
CA ALA B 143 -5.47 11.97 -10.95
C ALA B 143 -4.86 13.10 -10.13
N GLY B 144 -5.70 13.78 -9.35
CA GLY B 144 -5.23 14.87 -8.49
C GLY B 144 -4.23 14.43 -7.42
N VAL B 145 -4.48 13.27 -6.84
CA VAL B 145 -3.56 12.71 -5.85
C VAL B 145 -2.23 12.37 -6.57
N ALA B 146 -2.32 11.72 -7.74
CA ALA B 146 -1.10 11.37 -8.46
C ALA B 146 -0.29 12.63 -8.81
N GLU B 147 -0.97 13.64 -9.32
CA GLU B 147 -0.32 14.91 -9.67
C GLU B 147 0.33 15.54 -8.44
N SER B 148 -0.38 15.49 -7.32
CA SER B 148 0.14 16.03 -6.06
C SER B 148 1.43 15.35 -5.66
N LEU B 149 1.48 14.03 -5.79
CA LEU B 149 2.67 13.29 -5.39
C LEU B 149 3.86 13.58 -6.29
N TYR B 150 3.61 13.82 -7.57
CA TYR B 150 4.69 14.14 -8.50
C TYR B 150 5.28 15.52 -8.12
N SER B 151 4.40 16.43 -7.74
CA SER B 151 4.82 17.75 -7.29
C SER B 151 5.59 17.63 -5.97
N ILE B 152 5.02 16.89 -5.03
CA ILE B 152 5.63 16.74 -3.71
C ILE B 152 7.00 16.04 -3.77
N GLN B 153 7.07 14.93 -4.50
CA GLN B 153 8.28 14.11 -4.44
C GLN B 153 9.26 14.36 -5.57
N LYS B 154 8.80 14.95 -6.68
CA LYS B 154 9.73 15.17 -7.81
C LYS B 154 9.77 16.62 -8.27
N GLN B 155 8.99 17.47 -7.62
CA GLN B 155 8.88 18.88 -7.99
CA GLN B 155 8.90 18.88 -7.98
C GLN B 155 8.56 19.01 -9.47
N GLN B 156 7.68 18.12 -9.94
CA GLN B 156 7.22 18.14 -11.32
C GLN B 156 5.74 18.48 -11.39
N SER B 157 5.39 19.42 -12.27
CA SER B 157 3.99 19.82 -12.46
C SER B 157 3.45 19.19 -13.72
N ILE B 158 2.49 18.29 -13.56
CA ILE B 158 1.89 17.61 -14.69
C ILE B 158 0.36 17.67 -14.63
N GLU B 159 -0.25 17.65 -15.80
CA GLU B 159 -1.71 17.53 -15.89
C GLU B 159 -2.06 16.22 -16.59
N LEU B 160 -2.57 15.26 -15.82
CA LEU B 160 -2.89 13.94 -16.34
C LEU B 160 -4.22 13.90 -17.07
N SER B 161 -4.41 12.91 -17.93
CA SER B 161 -5.66 12.80 -18.68
C SER B 161 -6.73 12.01 -17.93
N GLU B 162 -7.70 12.71 -17.34
CA GLU B 162 -8.84 12.03 -16.71
C GLU B 162 -9.66 11.27 -17.76
N GLN B 163 -9.69 11.81 -18.99
CA GLN B 163 -10.44 11.19 -20.07
C GLN B 163 -9.93 9.78 -20.33
N GLU B 164 -8.61 9.60 -20.28
CA GLU B 164 -8.03 8.27 -20.48
C GLU B 164 -8.55 7.27 -19.42
N LEU B 165 -8.56 7.71 -18.16
CA LEU B 165 -9.18 6.92 -17.10
C LEU B 165 -10.65 6.59 -17.41
N VAL B 166 -11.41 7.61 -17.81
CA VAL B 166 -12.84 7.45 -18.08
C VAL B 166 -13.10 6.40 -19.17
N ASP B 167 -12.33 6.45 -20.24
CA ASP B 167 -12.53 5.51 -21.35
C ASP B 167 -11.83 4.16 -21.17
N CYS B 168 -10.66 4.14 -20.54
CA CYS B 168 -9.85 2.93 -20.61
C CYS B 168 -10.00 2.02 -19.38
N THR B 169 -10.68 2.50 -18.33
CA THR B 169 -11.10 1.63 -17.21
C THR B 169 -12.60 1.30 -17.26
N TYR B 170 -13.25 1.67 -18.35
CA TYR B 170 -14.67 1.36 -18.58
C TYR B 170 -14.86 -0.14 -18.69
N ASN B 171 -15.67 -0.72 -17.80
CA ASN B 171 -15.75 -2.18 -17.65
C ASN B 171 -16.11 -2.91 -18.94
N ARG B 172 -16.91 -2.28 -19.80
CA ARG B 172 -17.30 -2.92 -21.05
C ARG B 172 -16.16 -2.91 -22.05
N TYR B 173 -15.24 -1.96 -21.93
CA TYR B 173 -14.04 -1.98 -22.75
C TYR B 173 -12.98 -2.96 -22.22
N ASP B 174 -12.77 -2.94 -20.90
CA ASP B 174 -11.76 -3.78 -20.25
C ASP B 174 -12.36 -4.35 -18.97
N PRO B 175 -12.82 -5.60 -19.04
CA PRO B 175 -13.48 -6.26 -17.92
C PRO B 175 -12.60 -6.43 -16.69
N SER B 176 -11.30 -6.17 -16.82
CA SER B 176 -10.39 -6.25 -15.67
C SER B 176 -10.48 -4.99 -14.79
N TYR B 177 -11.30 -4.03 -15.23
CA TYR B 177 -11.61 -2.85 -14.40
C TYR B 177 -13.10 -2.81 -14.06
N GLN B 178 -13.44 -2.12 -12.97
CA GLN B 178 -14.82 -2.11 -12.51
C GLN B 178 -15.53 -0.77 -12.70
N CYS B 179 -14.93 0.17 -13.43
CA CYS B 179 -15.51 1.51 -13.61
C CYS B 179 -16.55 1.61 -14.72
N ASN B 180 -17.29 2.70 -14.72
CA ASN B 180 -18.37 2.89 -15.67
C ASN B 180 -18.36 4.27 -16.34
N GLY B 181 -17.17 4.78 -16.68
CA GLY B 181 -17.03 6.06 -17.35
C GLY B 181 -17.60 7.28 -16.63
N CYS B 182 -18.47 8.02 -17.32
CA CYS B 182 -19.18 9.16 -16.75
C CYS B 182 -20.34 8.69 -15.91
N GLY B 183 -20.58 7.38 -15.92
CA GLY B 183 -21.66 6.77 -15.17
C GLY B 183 -21.34 6.77 -13.70
N SER B 184 -20.25 6.09 -13.35
CA SER B 184 -19.76 5.99 -11.98
C SER B 184 -18.46 5.20 -12.01
N GLY B 185 -17.65 5.31 -10.97
CA GLY B 185 -16.41 4.57 -10.94
C GLY B 185 -15.67 4.67 -9.62
N TYR B 186 -14.47 4.10 -9.61
CA TYR B 186 -13.72 3.90 -8.38
C TYR B 186 -12.34 4.46 -8.53
N SER B 187 -11.95 5.33 -7.60
CA SER B 187 -10.62 5.89 -7.63
C SER B 187 -9.57 4.78 -7.45
N THR B 188 -9.91 3.73 -6.71
CA THR B 188 -8.96 2.62 -6.55
C THR B 188 -8.68 1.99 -7.91
N GLU B 189 -9.72 1.86 -8.71
CA GLU B 189 -9.57 1.27 -10.02
C GLU B 189 -8.74 2.20 -10.90
N ALA B 190 -8.92 3.50 -10.70
CA ALA B 190 -8.13 4.49 -11.41
C ALA B 190 -6.64 4.39 -11.05
N PHE B 191 -6.32 4.27 -9.76
CA PHE B 191 -4.92 4.08 -9.37
C PHE B 191 -4.39 2.78 -9.96
N LYS B 192 -5.21 1.72 -9.92
CA LYS B 192 -4.83 0.44 -10.51
C LYS B 192 -4.41 0.58 -11.97
N TYR B 193 -5.12 1.41 -12.72
CA TYR B 193 -4.75 1.67 -14.11
C TYR B 193 -3.45 2.46 -14.16
N MET B 194 -3.25 3.35 -13.20
CA MET B 194 -2.04 4.16 -13.18
C MET B 194 -0.83 3.28 -12.92
N ILE B 195 -1.03 2.20 -12.16
CA ILE B 195 0.01 1.20 -11.96
C ILE B 195 0.35 0.40 -13.21
N ARG B 196 -0.68 -0.18 -13.82
CA ARG B 196 -0.50 -1.19 -14.86
C ARG B 196 -0.16 -0.60 -16.22
N THR B 197 -0.60 0.63 -16.45
CA THR B 197 -0.54 1.21 -17.79
C THR B 197 0.07 2.61 -17.75
N GLY B 198 -0.30 3.37 -16.72
CA GLY B 198 0.12 4.76 -16.60
C GLY B 198 -0.80 5.65 -17.42
N LEU B 199 -0.74 6.96 -17.17
CA LEU B 199 -1.58 7.92 -17.86
C LEU B 199 -0.76 8.91 -18.65
N VAL B 200 -1.20 9.23 -19.84
CA VAL B 200 -0.58 10.30 -20.61
C VAL B 200 -1.12 11.64 -20.10
N GLU B 201 -0.53 12.74 -20.55
CA GLU B 201 -0.98 14.07 -20.11
C GLU B 201 -2.21 14.57 -20.87
N GLU B 202 -2.94 15.50 -20.24
CA GLU B 202 -4.11 16.14 -20.83
C GLU B 202 -3.98 16.45 -22.33
N ARG B 203 -2.90 17.13 -22.71
CA ARG B 203 -2.71 17.56 -24.12
C ARG B 203 -2.75 16.42 -25.13
N ASN B 204 -2.40 15.21 -24.69
CA ASN B 204 -2.38 14.05 -25.54
C ASN B 204 -3.68 13.31 -25.53
N TYR B 205 -4.54 13.58 -24.55
CA TYR B 205 -5.75 12.80 -24.50
C TYR B 205 -6.75 13.70 -23.78
N PRO B 206 -7.30 14.69 -24.50
CA PRO B 206 -8.08 15.80 -23.94
C PRO B 206 -9.42 15.40 -23.34
N TYR B 207 -9.84 16.13 -22.31
CA TYR B 207 -11.08 15.85 -21.62
C TYR B 207 -12.30 16.37 -22.38
N ASN B 208 -13.24 15.49 -22.65
CA ASN B 208 -14.47 15.87 -23.37
C ASN B 208 -15.71 15.54 -22.57
N MET B 209 -15.53 15.27 -21.28
CA MET B 209 -16.61 14.99 -20.33
C MET B 209 -17.72 14.08 -20.90
N ARG B 210 -17.30 13.01 -21.56
CA ARG B 210 -18.20 12.00 -22.08
C ARG B 210 -17.49 10.66 -22.10
N THR B 211 -18.23 9.56 -22.03
CA THR B 211 -17.61 8.26 -22.17
C THR B 211 -17.28 7.97 -23.63
N GLN B 212 -16.00 7.70 -23.92
CA GLN B 212 -15.55 7.43 -25.27
C GLN B 212 -14.87 6.08 -25.39
N TRP B 213 -14.66 5.64 -26.62
CA TRP B 213 -13.86 4.43 -26.83
C TRP B 213 -12.40 4.71 -26.51
N CYS B 214 -11.81 3.86 -25.67
CA CYS B 214 -10.40 3.97 -25.31
C CYS B 214 -9.48 3.97 -26.53
N ASP B 215 -8.64 4.98 -26.62
CA ASP B 215 -7.57 4.96 -27.59
C ASP B 215 -6.28 4.59 -26.90
N PRO B 216 -5.85 3.31 -27.03
CA PRO B 216 -4.63 2.80 -26.40
C PRO B 216 -3.36 3.24 -27.14
N ASP B 217 -3.50 3.50 -28.43
CA ASP B 217 -2.36 3.81 -29.27
C ASP B 217 -2.10 5.31 -29.33
N VAL B 218 -2.85 6.05 -28.53
CA VAL B 218 -2.48 7.42 -28.22
C VAL B 218 -1.07 7.40 -27.66
N GLU B 219 -0.30 8.48 -27.78
CA GLU B 219 0.98 8.46 -27.08
C GLU B 219 1.42 9.78 -26.46
N GLY B 220 2.70 9.83 -26.10
CA GLY B 220 3.23 10.84 -25.20
C GLY B 220 3.70 10.13 -23.95
N GLN B 221 4.49 10.80 -23.12
CA GLN B 221 4.99 10.14 -21.94
C GLN B 221 3.84 9.67 -21.06
N ARG B 222 4.04 8.56 -20.35
CA ARG B 222 3.03 8.02 -19.48
C ARG B 222 3.52 8.10 -18.03
N TYR B 223 2.63 8.46 -17.12
CA TYR B 223 3.00 8.62 -15.70
C TYR B 223 2.29 7.59 -14.82
N HIS B 224 3.05 6.94 -13.95
CA HIS B 224 2.54 5.84 -13.15
C HIS B 224 2.49 6.19 -11.67
N VAL B 225 1.83 5.33 -10.89
CA VAL B 225 2.09 5.22 -9.45
C VAL B 225 2.46 3.76 -9.20
N SER B 226 2.93 3.43 -8.02
CA SER B 226 3.37 2.05 -7.80
C SER B 226 2.38 1.24 -6.96
N GLY B 227 1.58 1.93 -6.16
CA GLY B 227 0.63 1.24 -5.31
C GLY B 227 -0.34 2.21 -4.69
N TYR B 228 -1.30 1.69 -3.96
CA TYR B 228 -2.30 2.51 -3.30
C TYR B 228 -2.88 1.66 -2.20
N GLN B 229 -3.49 2.31 -1.22
CA GLN B 229 -4.07 1.58 -0.09
C GLN B 229 -5.26 2.34 0.43
N GLN B 230 -6.36 1.61 0.61
CA GLN B 230 -7.58 2.15 1.19
C GLN B 230 -7.61 1.85 2.68
N LEU B 231 -7.89 2.89 3.48
CA LEU B 231 -7.93 2.77 4.93
C LEU B 231 -9.18 2.03 5.41
N ARG B 232 -9.18 1.62 6.68
CA ARG B 232 -10.37 1.01 7.27
C ARG B 232 -11.62 1.89 7.12
N TYR B 233 -12.76 1.26 6.89
CA TYR B 233 -14.06 1.93 6.91
C TYR B 233 -14.21 2.68 8.23
N HIS B 234 -14.70 3.91 8.17
CA HIS B 234 -14.84 4.72 9.38
C HIS B 234 -13.49 4.89 10.08
N SER B 235 -12.43 5.30 9.36
CA SER B 235 -11.17 5.55 10.05
C SER B 235 -11.30 6.79 10.93
N SER B 236 -10.43 6.89 11.92
CA SER B 236 -10.45 8.03 12.82
C SER B 236 -9.90 9.26 12.09
N ASP B 237 -10.30 10.45 12.51
CA ASP B 237 -9.70 11.66 11.98
C ASP B 237 -8.16 11.60 12.08
N GLU B 238 -7.67 11.15 13.24
CA GLU B 238 -6.23 11.04 13.46
C GLU B 238 -5.52 10.13 12.44
N ASP B 239 -6.09 8.95 12.17
CA ASP B 239 -5.51 8.08 11.15
C ASP B 239 -5.44 8.81 9.80
N VAL B 240 -6.53 9.49 9.45
CA VAL B 240 -6.59 10.18 8.15
C VAL B 240 -5.55 11.30 8.12
N MET B 241 -5.44 12.06 9.22
CA MET B 241 -4.47 13.17 9.29
C MET B 241 -3.04 12.61 9.19
N TYR B 242 -2.76 11.57 9.95
CA TYR B 242 -1.47 10.93 9.84
C TYR B 242 -1.18 10.43 8.42
N THR B 243 -2.20 9.84 7.80
CA THR B 243 -2.04 9.36 6.43
C THR B 243 -1.76 10.51 5.46
N ILE B 244 -2.47 11.62 5.62
CA ILE B 244 -2.25 12.76 4.73
C ILE B 244 -0.83 13.29 4.88
N GLN B 245 -0.40 13.37 6.13
CA GLN B 245 0.93 13.87 6.45
C GLN B 245 2.03 12.99 5.86
N GLN B 246 1.85 11.67 5.97
CA GLN B 246 2.92 10.75 5.58
C GLN B 246 2.85 10.26 4.12
N HIS B 247 1.67 10.33 3.51
CA HIS B 247 1.46 9.77 2.16
C HIS B 247 0.95 10.77 1.13
N GLY B 248 0.72 12.01 1.55
CA GLY B 248 0.20 13.04 0.67
C GLY B 248 -1.32 13.14 0.66
N PRO B 249 -1.87 14.01 -0.22
CA PRO B 249 -3.33 14.15 -0.41
C PRO B 249 -3.99 12.82 -0.61
N VAL B 250 -5.21 12.64 -0.10
CA VAL B 250 -5.88 11.36 -0.17
C VAL B 250 -7.22 11.46 -0.88
N VAL B 251 -7.63 10.41 -1.57
CA VAL B 251 -8.99 10.36 -2.11
C VAL B 251 -9.96 10.05 -0.98
N ILE B 252 -11.10 10.72 -0.98
CA ILE B 252 -12.21 10.32 -0.13
C ILE B 252 -13.50 10.28 -0.94
N TYR B 253 -14.44 9.47 -0.49
CA TYR B 253 -15.76 9.38 -1.07
CA TYR B 253 -15.76 9.40 -1.10
C TYR B 253 -16.77 9.95 -0.09
N MET B 254 -17.59 10.89 -0.54
CA MET B 254 -18.49 11.49 0.42
C MET B 254 -19.82 11.80 -0.21
N HIS B 255 -20.69 12.41 0.57
CA HIS B 255 -22.03 12.71 0.10
C HIS B 255 -22.02 14.07 -0.59
N GLY B 256 -21.62 14.08 -1.86
CA GLY B 256 -21.51 15.33 -2.61
C GLY B 256 -22.83 15.95 -3.10
N SER B 257 -23.90 15.16 -3.19
CA SER B 257 -25.16 15.69 -3.69
C SER B 257 -26.04 16.22 -2.55
N ASN B 258 -25.50 16.23 -1.34
CA ASN B 258 -26.13 16.90 -0.20
C ASN B 258 -26.28 18.40 -0.45
N ASN B 259 -27.42 18.98 -0.06
CA ASN B 259 -27.72 20.38 -0.39
C ASN B 259 -26.68 21.40 0.05
N TYR B 260 -26.14 21.21 1.24
CA TYR B 260 -25.13 22.10 1.79
C TYR B 260 -23.81 21.99 1.02
N PHE B 261 -23.34 20.76 0.83
CA PHE B 261 -22.07 20.57 0.13
C PHE B 261 -22.16 21.05 -1.31
N ARG B 262 -23.24 20.73 -2.01
CA ARG B 262 -23.28 21.00 -3.44
C ARG B 262 -23.36 22.51 -3.74
N ASN B 263 -23.93 23.28 -2.82
CA ASN B 263 -23.97 24.73 -2.98
C ASN B 263 -22.87 25.48 -2.22
N LEU B 264 -22.00 24.73 -1.58
CA LEU B 264 -21.00 25.31 -0.68
C LEU B 264 -20.10 26.39 -1.33
N GLY B 265 -19.97 27.53 -0.64
CA GLY B 265 -19.04 28.58 -1.04
C GLY B 265 -17.92 28.77 -0.01
N ASN B 266 -17.65 30.01 0.37
CA ASN B 266 -16.63 30.31 1.40
C ASN B 266 -17.12 29.91 2.79
N GLY B 267 -16.22 29.48 3.67
CA GLY B 267 -16.61 29.21 5.05
C GLY B 267 -16.51 27.75 5.47
N VAL B 268 -16.58 27.50 6.76
CA VAL B 268 -16.48 26.14 7.29
C VAL B 268 -17.86 25.51 7.47
N LEU B 269 -18.10 24.42 6.77
CA LEU B 269 -19.41 23.77 6.85
C LEU B 269 -19.51 22.94 8.11
N ARG B 270 -20.40 23.34 9.01
CA ARG B 270 -20.56 22.69 10.31
C ARG B 270 -21.93 22.06 10.49
N GLY B 271 -21.96 20.95 11.25
CA GLY B 271 -23.20 20.32 11.65
C GLY B 271 -23.95 19.61 10.54
N VAL B 272 -23.31 19.36 9.41
CA VAL B 272 -24.04 18.75 8.30
C VAL B 272 -23.81 17.24 8.18
N ALA B 273 -24.91 16.49 8.14
CA ALA B 273 -24.89 15.05 7.88
C ALA B 273 -23.81 14.29 8.67
N TYR B 274 -23.84 14.42 9.99
CA TYR B 274 -22.92 13.69 10.86
C TYR B 274 -23.06 12.19 10.63
N ASN B 275 -21.93 11.50 10.49
CA ASN B 275 -21.89 10.06 10.30
C ASN B 275 -22.68 9.57 9.11
N ASP B 276 -22.68 10.36 8.04
CA ASP B 276 -23.40 10.02 6.82
C ASP B 276 -22.95 8.67 6.25
N ALA B 277 -23.91 7.87 5.82
CA ALA B 277 -23.59 6.57 5.25
C ALA B 277 -23.70 6.58 3.73
N TYR B 278 -24.28 7.66 3.18
CA TYR B 278 -24.53 7.73 1.75
C TYR B 278 -23.36 8.37 1.00
N THR B 279 -22.99 7.74 -0.11
CA THR B 279 -21.76 8.04 -0.81
C THR B 279 -21.96 8.24 -2.32
N ASP B 280 -21.57 9.38 -2.90
CA ASP B 280 -21.75 9.50 -4.36
C ASP B 280 -20.82 10.48 -5.06
N HIS B 281 -19.81 10.98 -4.35
CA HIS B 281 -18.87 11.92 -4.90
C HIS B 281 -17.45 11.72 -4.36
N ALA B 282 -16.47 11.67 -5.25
CA ALA B 282 -15.06 11.54 -4.84
C ALA B 282 -14.36 12.87 -4.93
N VAL B 283 -13.64 13.20 -3.86
CA VAL B 283 -12.81 14.39 -3.81
C VAL B 283 -11.50 14.06 -3.09
N ILE B 284 -10.72 15.08 -2.76
CA ILE B 284 -9.39 14.92 -2.18
C ILE B 284 -9.22 15.69 -0.88
N LEU B 285 -8.69 15.05 0.16
CA LEU B 285 -8.28 15.83 1.33
C LEU B 285 -6.84 16.28 1.17
N VAL B 286 -6.60 17.57 1.27
CA VAL B 286 -5.24 18.06 1.14
C VAL B 286 -4.71 18.63 2.45
N GLY B 287 -5.51 18.55 3.51
CA GLY B 287 -5.04 19.05 4.79
C GLY B 287 -6.12 19.28 5.81
N TRP B 288 -5.77 20.04 6.86
CA TRP B 288 -6.66 20.31 7.96
C TRP B 288 -6.14 21.50 8.75
N GLY B 289 -7.01 22.09 9.56
CA GLY B 289 -6.60 23.16 10.46
C GLY B 289 -7.66 23.41 11.52
N THR B 290 -7.46 24.45 12.32
CA THR B 290 -8.44 24.88 13.33
C THR B 290 -8.64 26.39 13.30
N VAL B 291 -9.89 26.84 13.24
CA VAL B 291 -10.18 28.28 13.33
C VAL B 291 -11.21 28.59 14.45
N GLN B 292 -10.78 29.37 15.44
CA GLN B 292 -11.63 29.72 16.57
C GLN B 292 -12.32 28.51 17.24
N GLY B 293 -11.56 27.46 17.53
CA GLY B 293 -12.11 26.29 18.20
C GLY B 293 -12.76 25.30 17.27
N VAL B 294 -12.79 25.62 15.99
CA VAL B 294 -13.46 24.78 15.00
C VAL B 294 -12.46 24.00 14.12
N ASP B 295 -12.40 22.68 14.30
CA ASP B 295 -11.52 21.84 13.51
C ASP B 295 -12.13 21.50 12.16
N TYR B 296 -11.35 21.62 11.08
CA TYR B 296 -11.89 21.38 9.76
C TYR B 296 -10.95 20.62 8.83
N TRP B 297 -11.53 20.04 7.79
CA TRP B 297 -10.81 19.44 6.68
C TRP B 297 -10.66 20.43 5.55
N ILE B 298 -9.60 20.31 4.78
CA ILE B 298 -9.49 21.07 3.54
C ILE B 298 -9.71 20.14 2.34
N ILE B 299 -10.76 20.39 1.58
CA ILE B 299 -11.18 19.53 0.47
C ILE B 299 -10.92 20.17 -0.87
N ARG B 300 -10.24 19.43 -1.73
CA ARG B 300 -10.02 19.83 -3.11
C ARG B 300 -11.08 19.17 -3.97
N ASN B 301 -11.96 19.97 -4.53
CA ASN B 301 -13.08 19.46 -5.34
C ASN B 301 -12.71 19.61 -6.81
N SER B 302 -13.57 19.12 -7.70
CA SER B 302 -13.31 19.13 -9.13
C SER B 302 -14.51 19.76 -9.84
N TRP B 303 -15.00 20.86 -9.27
CA TRP B 303 -16.17 21.53 -9.80
C TRP B 303 -15.81 22.95 -10.22
N GLY B 304 -14.54 23.16 -10.55
CA GLY B 304 -14.11 24.49 -10.96
C GLY B 304 -13.86 25.37 -9.77
N THR B 305 -13.28 26.55 -10.03
CA THR B 305 -12.90 27.48 -8.97
C THR B 305 -14.08 28.28 -8.44
N GLY B 306 -15.23 28.19 -9.11
CA GLY B 306 -16.42 28.92 -8.68
C GLY B 306 -17.09 28.25 -7.47
N TRP B 307 -16.84 26.96 -7.30
CA TRP B 307 -17.39 26.25 -6.15
C TRP B 307 -16.51 26.46 -4.92
N GLY B 308 -17.12 26.51 -3.74
CA GLY B 308 -16.40 26.66 -2.50
C GLY B 308 -15.58 27.94 -2.45
N ASN B 309 -14.37 27.86 -1.91
CA ASN B 309 -13.44 28.98 -1.94
C ASN B 309 -12.35 28.71 -2.97
N GLY B 310 -12.56 29.16 -4.20
CA GLY B 310 -11.62 28.87 -5.28
C GLY B 310 -11.51 27.39 -5.63
N GLY B 311 -12.56 26.62 -5.37
CA GLY B 311 -12.55 25.22 -5.77
C GLY B 311 -12.26 24.28 -4.61
N TYR B 312 -11.82 24.88 -3.50
CA TYR B 312 -11.57 24.17 -2.26
C TYR B 312 -12.71 24.37 -1.29
N GLY B 313 -12.95 23.37 -0.45
CA GLY B 313 -14.00 23.48 0.55
C GLY B 313 -13.51 23.16 1.94
N TYR B 314 -14.19 23.71 2.94
CA TYR B 314 -13.86 23.47 4.33
C TYR B 314 -15.05 22.84 5.08
N VAL B 315 -14.81 21.69 5.70
CA VAL B 315 -15.85 20.92 6.40
C VAL B 315 -15.34 20.49 7.77
N GLU B 316 -16.18 20.66 8.79
CA GLU B 316 -15.83 20.34 10.17
C GLU B 316 -15.35 18.89 10.37
N ARG B 317 -14.33 18.70 11.21
CA ARG B 317 -13.87 17.36 11.58
C ARG B 317 -14.65 16.86 12.79
N GLY B 318 -14.33 15.64 13.23
CA GLY B 318 -14.87 15.12 14.48
C GLY B 318 -16.20 14.37 14.41
N HIS B 319 -16.78 14.22 13.23
CA HIS B 319 -18.14 13.67 13.17
C HIS B 319 -18.45 12.82 11.94
N ASN B 320 -17.44 12.43 11.18
CA ASN B 320 -17.63 11.75 9.91
C ASN B 320 -18.69 12.46 9.05
N SER B 321 -18.60 13.79 9.04
CA SER B 321 -19.49 14.63 8.25
C SER B 321 -19.51 14.20 6.79
N LEU B 322 -20.70 13.91 6.29
CA LEU B 322 -20.90 13.61 4.87
C LEU B 322 -20.16 12.34 4.44
N GLY B 323 -19.72 11.53 5.40
CA GLY B 323 -19.08 10.27 5.07
C GLY B 323 -17.60 10.38 4.72
N ILE B 324 -17.01 11.53 5.04
CA ILE B 324 -15.62 11.85 4.75
C ILE B 324 -14.64 10.73 5.17
N ASN B 325 -14.87 10.17 6.33
CA ASN B 325 -13.97 9.15 6.87
C ASN B 325 -14.28 7.72 6.36
N ASN B 326 -15.26 7.56 5.49
CA ASN B 326 -15.73 6.22 5.13
C ASN B 326 -14.74 5.47 4.26
N TYR B 327 -14.29 6.12 3.19
CA TYR B 327 -13.54 5.43 2.15
C TYR B 327 -12.34 6.25 1.74
N VAL B 328 -11.28 6.16 2.54
CA VAL B 328 -10.10 6.99 2.35
C VAL B 328 -8.98 6.18 1.71
N THR B 329 -8.44 6.68 0.60
CA THR B 329 -7.38 5.98 -0.11
C THR B 329 -6.16 6.86 -0.38
N TYR B 330 -4.97 6.33 -0.10
CA TYR B 330 -3.76 7.05 -0.47
C TYR B 330 -3.01 6.27 -1.53
N ALA B 331 -2.11 6.96 -2.23
CA ALA B 331 -1.33 6.33 -3.28
C ALA B 331 0.16 6.41 -2.97
N THR B 332 0.95 5.66 -3.73
CA THR B 332 2.39 5.61 -3.52
C THR B 332 3.12 5.64 -4.85
N LEU B 333 4.07 6.55 -5.00
CA LEU B 333 4.90 6.58 -6.20
C LEU B 333 6.07 5.60 -6.10
#